data_1J30
#
_entry.id   1J30
#
_cell.length_a   72.428
_cell.length_b   72.428
_cell.length_c   98.208
_cell.angle_alpha   90.00
_cell.angle_beta   90.00
_cell.angle_gamma   120.00
#
_symmetry.space_group_name_H-M   'P 63'
#
loop_
_entity.id
_entity.type
_entity.pdbx_description
1 polymer '144aa long hypothetical rubrerythrin'
2 non-polymer 'FE (III) ION'
3 non-polymer 'ZINC ION'
4 non-polymer 'OXYGEN MOLECULE'
5 water water
#
_entity_poly.entity_id   1
_entity_poly.type   'polypeptide(L)'
_entity_poly.pdbx_seq_one_letter_code
;MKDLKGTKTAENLKQGFIGESMANRRYLYFAKRADEEGYPEIAGLLRSIAEGETAHAFGHLDFIRQGGLTDPATDKPIGT
LEQMIESAIAGETYEWTQMYPGFAKVAREEGFPEVAEWFETLARAEKSHAEKFQNVLKQLKGGT
;
_entity_poly.pdbx_strand_id   A,B
#
loop_
_chem_comp.id
_chem_comp.type
_chem_comp.name
_chem_comp.formula
FE non-polymer 'FE (III) ION' 'Fe 3'
OXY non-polymer 'OXYGEN MOLECULE' O2
ZN non-polymer 'ZINC ION' 'Zn 2'
#
# COMPACT_ATOMS: atom_id res chain seq x y z
N ASP A 3 -16.95 5.40 -20.18
CA ASP A 3 -17.01 5.65 -18.71
C ASP A 3 -16.66 4.40 -17.92
N LEU A 4 -15.73 4.55 -16.99
CA LEU A 4 -15.30 3.41 -16.16
C LEU A 4 -16.17 3.19 -14.93
N LYS A 5 -16.94 4.20 -14.53
CA LYS A 5 -17.75 4.05 -13.34
C LYS A 5 -18.71 2.85 -13.37
N GLY A 6 -18.67 2.05 -12.30
CA GLY A 6 -19.55 0.91 -12.19
C GLY A 6 -19.10 -0.36 -12.91
N THR A 7 -17.98 -0.29 -13.61
CA THR A 7 -17.49 -1.45 -14.34
C THR A 7 -16.60 -2.35 -13.48
N LYS A 8 -16.31 -3.54 -13.99
CA LYS A 8 -15.46 -4.48 -13.26
C LYS A 8 -14.02 -3.97 -13.36
N THR A 9 -13.72 -3.32 -14.48
CA THR A 9 -12.38 -2.79 -14.69
C THR A 9 -12.08 -1.74 -13.62
N ALA A 10 -13.09 -0.96 -13.26
CA ALA A 10 -12.90 0.07 -12.23
C ALA A 10 -12.51 -0.64 -10.93
N GLU A 11 -13.18 -1.74 -10.63
CA GLU A 11 -12.89 -2.50 -9.42
C GLU A 11 -11.52 -3.15 -9.49
N ASN A 12 -11.13 -3.59 -10.69
CA ASN A 12 -9.82 -4.23 -10.85
C ASN A 12 -8.70 -3.20 -10.75
N LEU A 13 -8.98 -1.96 -11.14
CA LEU A 13 -7.95 -0.93 -11.02
C LEU A 13 -7.73 -0.70 -9.53
N LYS A 14 -8.83 -0.68 -8.79
CA LYS A 14 -8.78 -0.50 -7.35
C LYS A 14 -7.99 -1.62 -6.68
N GLN A 15 -8.34 -2.87 -6.98
CA GLN A 15 -7.63 -3.99 -6.38
C GLN A 15 -6.17 -4.00 -6.82
N GLY A 16 -5.92 -3.64 -8.08
CA GLY A 16 -4.56 -3.59 -8.58
C GLY A 16 -3.73 -2.64 -7.74
N PHE A 17 -4.32 -1.49 -7.43
CA PHE A 17 -3.63 -0.48 -6.62
C PHE A 17 -3.29 -1.00 -5.22
N ILE A 18 -4.24 -1.70 -4.61
CA ILE A 18 -4.02 -2.23 -3.27
C ILE A 18 -2.86 -3.21 -3.25
N GLY A 19 -2.85 -4.15 -4.19
CA GLY A 19 -1.78 -5.13 -4.26
C GLY A 19 -0.42 -4.51 -4.50
N GLU A 20 -0.34 -3.56 -5.43
CA GLU A 20 0.91 -2.90 -5.75
C GLU A 20 1.43 -2.09 -4.56
N SER A 21 0.52 -1.49 -3.82
CA SER A 21 0.91 -0.70 -2.65
C SER A 21 1.54 -1.63 -1.62
N MET A 22 0.91 -2.78 -1.41
CA MET A 22 1.41 -3.76 -0.46
C MET A 22 2.74 -4.34 -0.92
N ALA A 23 2.89 -4.54 -2.22
CA ALA A 23 4.11 -5.11 -2.77
C ALA A 23 5.30 -4.20 -2.48
N ASN A 24 5.14 -2.90 -2.70
CA ASN A 24 6.24 -1.99 -2.42
C ASN A 24 6.64 -2.01 -0.95
N ARG A 25 5.67 -1.97 -0.05
CA ARG A 25 5.98 -2.00 1.38
C ARG A 25 6.67 -3.31 1.78
N ARG A 26 6.14 -4.41 1.26
CA ARG A 26 6.71 -5.72 1.56
C ARG A 26 8.17 -5.83 1.13
N TYR A 27 8.45 -5.48 -0.13
CA TYR A 27 9.81 -5.58 -0.64
C TYR A 27 10.80 -4.69 0.10
N LEU A 28 10.39 -3.47 0.46
CA LEU A 28 11.31 -2.61 1.21
C LEU A 28 11.54 -3.19 2.60
N TYR A 29 10.53 -3.86 3.14
CA TYR A 29 10.65 -4.47 4.46
C TYR A 29 11.63 -5.63 4.36
N PHE A 30 11.44 -6.45 3.31
CA PHE A 30 12.31 -7.60 3.08
C PHE A 30 13.75 -7.15 2.87
N ALA A 31 13.92 -6.03 2.17
CA ALA A 31 15.25 -5.51 1.87
C ALA A 31 16.05 -5.24 3.13
N LYS A 32 15.38 -4.80 4.19
CA LYS A 32 16.05 -4.51 5.45
C LYS A 32 16.63 -5.78 6.05
N ARG A 33 15.97 -6.91 5.82
CA ARG A 33 16.47 -8.18 6.35
C ARG A 33 17.73 -8.56 5.58
N ALA A 34 17.68 -8.38 4.27
CA ALA A 34 18.84 -8.68 3.44
C ALA A 34 19.98 -7.73 3.79
N ASP A 35 19.66 -6.49 4.13
CA ASP A 35 20.68 -5.51 4.51
C ASP A 35 21.41 -6.04 5.74
N GLU A 36 20.62 -6.41 6.74
CA GLU A 36 21.13 -6.91 8.01
C GLU A 36 22.05 -8.11 7.88
N GLU A 37 21.65 -9.06 7.02
CA GLU A 37 22.42 -10.28 6.84
C GLU A 37 23.61 -10.22 5.88
N GLY A 38 23.75 -9.12 5.16
CA GLY A 38 24.88 -8.99 4.25
C GLY A 38 24.64 -9.45 2.81
N TYR A 39 23.42 -9.25 2.31
CA TYR A 39 23.08 -9.61 0.93
C TYR A 39 22.73 -8.34 0.17
N PRO A 40 23.73 -7.50 -0.15
CA PRO A 40 23.49 -6.25 -0.88
C PRO A 40 22.87 -6.42 -2.26
N GLU A 41 23.20 -7.51 -2.95
CA GLU A 41 22.66 -7.76 -4.29
C GLU A 41 21.15 -7.98 -4.18
N ILE A 42 20.76 -8.81 -3.22
CA ILE A 42 19.36 -9.13 -3.00
C ILE A 42 18.60 -7.91 -2.51
N ALA A 43 19.20 -7.14 -1.60
CA ALA A 43 18.55 -5.95 -1.07
C ALA A 43 18.37 -4.94 -2.21
N GLY A 44 19.40 -4.81 -3.04
CA GLY A 44 19.33 -3.90 -4.15
C GLY A 44 18.25 -4.27 -5.14
N LEU A 45 18.08 -5.57 -5.38
CA LEU A 45 17.07 -6.06 -6.31
C LEU A 45 15.69 -5.75 -5.74
N LEU A 46 15.51 -6.04 -4.45
CA LEU A 46 14.25 -5.78 -3.79
C LEU A 46 13.87 -4.31 -3.92
N ARG A 47 14.84 -3.43 -3.68
CA ARG A 47 14.59 -1.99 -3.78
C ARG A 47 14.27 -1.55 -5.21
N SER A 48 14.94 -2.14 -6.20
CA SER A 48 14.69 -1.76 -7.58
C SER A 48 13.31 -2.27 -8.04
N ILE A 49 12.99 -3.51 -7.69
CA ILE A 49 11.69 -4.06 -8.06
C ILE A 49 10.61 -3.24 -7.35
N ALA A 50 10.91 -2.77 -6.14
CA ALA A 50 9.95 -1.96 -5.39
C ALA A 50 9.61 -0.70 -6.18
N GLU A 51 10.62 -0.13 -6.84
CA GLU A 51 10.42 1.08 -7.65
C GLU A 51 9.45 0.72 -8.77
N GLY A 52 9.52 -0.51 -9.25
CA GLY A 52 8.62 -0.94 -10.29
C GLY A 52 7.18 -0.97 -9.78
N GLU A 53 6.99 -1.47 -8.57
CA GLU A 53 5.66 -1.55 -7.98
C GLU A 53 5.14 -0.14 -7.71
N THR A 54 6.03 0.81 -7.51
CA THR A 54 5.59 2.18 -7.31
C THR A 54 5.01 2.69 -8.64
N ALA A 55 5.74 2.42 -9.72
CA ALA A 55 5.29 2.86 -11.04
C ALA A 55 3.94 2.23 -11.35
N HIS A 56 3.76 0.98 -10.95
CA HIS A 56 2.52 0.27 -11.20
C HIS A 56 1.36 0.89 -10.41
N ALA A 57 1.59 1.14 -9.12
CA ALA A 57 0.55 1.74 -8.30
C ALA A 57 0.15 3.12 -8.80
N PHE A 58 1.13 3.96 -9.15
CA PHE A 58 0.83 5.30 -9.63
C PHE A 58 0.08 5.23 -10.97
N GLY A 59 0.43 4.25 -11.79
CA GLY A 59 -0.23 4.09 -13.07
C GLY A 59 -1.69 3.76 -12.86
N HIS A 60 -1.97 2.92 -11.86
CA HIS A 60 -3.36 2.57 -11.57
C HIS A 60 -4.09 3.82 -11.12
N LEU A 61 -3.45 4.63 -10.28
CA LEU A 61 -4.09 5.85 -9.79
C LEU A 61 -4.34 6.84 -10.92
N ASP A 62 -3.46 6.87 -11.92
CA ASP A 62 -3.65 7.79 -13.04
C ASP A 62 -4.93 7.42 -13.79
N PHE A 63 -5.11 6.14 -14.06
CA PHE A 63 -6.30 5.69 -14.77
C PHE A 63 -7.54 5.96 -13.94
N ILE A 64 -7.42 5.76 -12.64
CA ILE A 64 -8.54 6.00 -11.73
C ILE A 64 -8.90 7.48 -11.72
N ARG A 65 -7.89 8.34 -11.56
CA ARG A 65 -8.12 9.78 -11.54
C ARG A 65 -8.66 10.28 -12.88
N GLN A 66 -8.00 9.88 -13.95
CA GLN A 66 -8.39 10.30 -15.30
C GLN A 66 -9.75 9.76 -15.70
N GLY A 67 -10.24 8.76 -14.97
CA GLY A 67 -11.54 8.18 -15.26
C GLY A 67 -12.64 8.70 -14.36
N GLY A 68 -12.29 9.60 -13.45
CA GLY A 68 -13.28 10.16 -12.55
C GLY A 68 -13.66 9.20 -11.44
N LEU A 69 -12.83 8.17 -11.23
CA LEU A 69 -13.07 7.20 -10.18
C LEU A 69 -12.54 7.74 -8.86
N THR A 70 -12.94 7.12 -7.75
CA THR A 70 -12.53 7.60 -6.44
C THR A 70 -11.28 6.92 -5.90
N ASP A 71 -10.76 7.50 -4.82
CA ASP A 71 -9.58 7.01 -4.13
C ASP A 71 -9.87 5.61 -3.57
N PRO A 72 -9.04 4.61 -3.93
CA PRO A 72 -9.26 3.24 -3.43
C PRO A 72 -9.40 3.16 -1.91
N ALA A 73 -8.70 4.04 -1.20
CA ALA A 73 -8.73 3.99 0.25
C ALA A 73 -9.88 4.71 0.95
N THR A 74 -10.45 5.72 0.31
CA THR A 74 -11.51 6.50 0.95
C THR A 74 -12.80 6.69 0.17
N ASP A 75 -12.80 6.28 -1.09
CA ASP A 75 -13.97 6.43 -1.96
C ASP A 75 -14.26 7.93 -2.13
N LYS A 76 -13.22 8.75 -2.09
CA LYS A 76 -13.35 10.20 -2.25
C LYS A 76 -12.65 10.59 -3.55
N PRO A 77 -13.14 11.64 -4.23
CA PRO A 77 -12.52 12.07 -5.49
C PRO A 77 -11.10 12.57 -5.27
N ILE A 78 -10.24 12.35 -6.25
CA ILE A 78 -8.85 12.80 -6.16
C ILE A 78 -8.41 13.48 -7.46
N GLY A 79 -9.32 14.23 -8.07
CA GLY A 79 -9.01 14.91 -9.31
C GLY A 79 -8.11 16.13 -9.12
N THR A 80 -8.41 16.92 -8.10
CA THR A 80 -7.61 18.13 -7.81
C THR A 80 -6.78 17.96 -6.56
N LEU A 81 -5.82 18.85 -6.36
CA LEU A 81 -4.97 18.80 -5.18
C LEU A 81 -5.83 18.97 -3.93
N GLU A 82 -6.79 19.89 -3.98
CA GLU A 82 -7.67 20.10 -2.84
C GLU A 82 -8.43 18.82 -2.51
N GLN A 83 -8.94 18.15 -3.54
CA GLN A 83 -9.66 16.90 -3.33
C GLN A 83 -8.73 15.84 -2.75
N MET A 84 -7.48 15.83 -3.22
CA MET A 84 -6.51 14.87 -2.71
C MET A 84 -6.32 15.05 -1.22
N ILE A 85 -6.16 16.29 -0.79
CA ILE A 85 -5.99 16.61 0.62
C ILE A 85 -7.25 16.23 1.40
N GLU A 86 -8.41 16.45 0.79
CA GLU A 86 -9.66 16.10 1.45
C GLU A 86 -9.75 14.59 1.62
N SER A 87 -9.20 13.85 0.67
CA SER A 87 -9.21 12.39 0.77
C SER A 87 -8.29 11.98 1.93
N ALA A 88 -7.13 12.63 2.01
CA ALA A 88 -6.18 12.32 3.09
C ALA A 88 -6.86 12.56 4.44
N ILE A 89 -7.54 13.69 4.56
CA ILE A 89 -8.22 14.03 5.81
C ILE A 89 -9.29 13.00 6.16
N ALA A 90 -10.09 12.61 5.18
CA ALA A 90 -11.15 11.63 5.41
C ALA A 90 -10.57 10.33 5.95
N GLY A 91 -9.52 9.82 5.29
CA GLY A 91 -8.91 8.58 5.72
C GLY A 91 -8.30 8.64 7.11
N GLU A 92 -7.51 9.68 7.37
CA GLU A 92 -6.87 9.85 8.67
C GLU A 92 -7.91 9.97 9.78
N THR A 93 -8.99 10.68 9.50
CA THR A 93 -10.05 10.86 10.48
C THR A 93 -10.70 9.52 10.83
N TYR A 94 -10.97 8.70 9.82
CA TYR A 94 -11.56 7.40 10.06
C TYR A 94 -10.61 6.58 10.94
N GLU A 95 -9.32 6.63 10.61
CA GLU A 95 -8.33 5.87 11.36
C GLU A 95 -8.17 6.24 12.83
N TRP A 96 -8.14 7.54 13.14
CA TRP A 96 -7.96 7.89 14.54
C TRP A 96 -9.23 7.91 15.37
N THR A 97 -10.38 8.14 14.72
CA THR A 97 -11.65 8.19 15.45
C THR A 97 -12.33 6.85 15.59
N GLN A 98 -12.07 5.93 14.66
CA GLN A 98 -12.74 4.64 14.72
C GLN A 98 -11.87 3.40 14.53
N MET A 99 -11.11 3.37 13.45
CA MET A 99 -10.31 2.18 13.17
C MET A 99 -9.29 1.77 14.23
N TYR A 100 -8.27 2.60 14.46
CA TYR A 100 -7.26 2.22 15.43
C TYR A 100 -7.79 2.11 16.87
N PRO A 101 -8.72 2.99 17.28
CA PRO A 101 -9.21 2.84 18.65
C PRO A 101 -9.92 1.48 18.76
N GLY A 102 -10.66 1.12 17.72
CA GLY A 102 -11.36 -0.16 17.72
C GLY A 102 -10.40 -1.32 17.74
N PHE A 103 -9.33 -1.22 16.95
CA PHE A 103 -8.30 -2.25 16.90
C PHE A 103 -7.64 -2.40 18.27
N ALA A 104 -7.34 -1.27 18.90
CA ALA A 104 -6.70 -1.28 20.21
C ALA A 104 -7.60 -1.94 21.24
N LYS A 105 -8.89 -1.62 21.21
CA LYS A 105 -9.84 -2.20 22.16
C LYS A 105 -9.89 -3.70 22.00
N VAL A 106 -9.94 -4.17 20.77
CA VAL A 106 -9.99 -5.61 20.49
C VAL A 106 -8.73 -6.31 20.95
N ALA A 107 -7.57 -5.68 20.71
CA ALA A 107 -6.30 -6.26 21.12
C ALA A 107 -6.24 -6.42 22.63
N ARG A 108 -6.69 -5.41 23.37
CA ARG A 108 -6.70 -5.50 24.83
C ARG A 108 -7.63 -6.61 25.26
N GLU A 109 -8.81 -6.67 24.65
CA GLU A 109 -9.79 -7.68 24.99
C GLU A 109 -9.29 -9.10 24.73
N GLU A 110 -8.41 -9.24 23.74
CA GLU A 110 -7.87 -10.55 23.39
C GLU A 110 -6.58 -10.88 24.13
N GLY A 111 -6.14 -9.96 24.99
CA GLY A 111 -4.94 -10.19 25.78
C GLY A 111 -3.61 -9.88 25.12
N PHE A 112 -3.60 -8.89 24.24
CA PHE A 112 -2.38 -8.49 23.54
C PHE A 112 -2.11 -7.03 23.81
N PRO A 113 -1.77 -6.69 25.07
CA PRO A 113 -1.50 -5.30 25.44
C PRO A 113 -0.42 -4.59 24.62
N GLU A 114 0.59 -5.32 24.20
CA GLU A 114 1.67 -4.72 23.40
C GLU A 114 1.14 -4.23 22.07
N VAL A 115 0.30 -5.04 21.43
CA VAL A 115 -0.29 -4.66 20.15
C VAL A 115 -1.28 -3.53 20.39
N ALA A 116 -2.00 -3.59 21.49
CA ALA A 116 -2.97 -2.55 21.81
C ALA A 116 -2.28 -1.20 21.95
N GLU A 117 -1.13 -1.18 22.63
CA GLU A 117 -0.39 0.06 22.81
C GLU A 117 0.09 0.60 21.46
N TRP A 118 0.47 -0.31 20.56
CA TRP A 118 0.92 0.06 19.23
C TRP A 118 -0.25 0.71 18.50
N PHE A 119 -1.41 0.08 18.56
CA PHE A 119 -2.60 0.62 17.91
C PHE A 119 -2.97 1.98 18.51
N GLU A 120 -2.78 2.15 19.81
CA GLU A 120 -3.08 3.41 20.47
C GLU A 120 -2.10 4.49 20.03
N THR A 121 -0.83 4.13 19.87
CA THR A 121 0.19 5.07 19.43
C THR A 121 -0.18 5.55 18.02
N LEU A 122 -0.57 4.61 17.16
CA LEU A 122 -0.96 4.96 15.81
C LEU A 122 -2.22 5.81 15.78
N ALA A 123 -3.17 5.55 16.68
CA ALA A 123 -4.38 6.34 16.71
C ALA A 123 -4.01 7.80 16.94
N ARG A 124 -3.13 8.06 17.89
CA ARG A 124 -2.70 9.41 18.19
C ARG A 124 -1.93 10.01 17.00
N ALA A 125 -1.13 9.18 16.33
CA ALA A 125 -0.36 9.64 15.18
C ALA A 125 -1.26 10.07 14.03
N GLU A 126 -2.29 9.28 13.75
CA GLU A 126 -3.19 9.62 12.65
C GLU A 126 -3.99 10.87 12.98
N LYS A 127 -4.26 11.08 14.26
CA LYS A 127 -4.99 12.29 14.64
C LYS A 127 -4.10 13.49 14.29
N SER A 128 -2.81 13.38 14.59
CA SER A 128 -1.88 14.47 14.28
C SER A 128 -1.81 14.65 12.76
N HIS A 129 -1.76 13.55 12.01
CA HIS A 129 -1.73 13.63 10.56
C HIS A 129 -2.97 14.37 10.06
N ALA A 130 -4.14 13.99 10.56
CA ALA A 130 -5.39 14.61 10.13
C ALA A 130 -5.35 16.12 10.39
N GLU A 131 -4.81 16.52 11.54
CA GLU A 131 -4.73 17.94 11.88
C GLU A 131 -3.77 18.67 10.94
N LYS A 132 -2.69 18.01 10.57
CA LYS A 132 -1.72 18.61 9.65
C LYS A 132 -2.37 18.82 8.29
N PHE A 133 -3.09 17.81 7.82
CA PHE A 133 -3.76 17.88 6.52
C PHE A 133 -4.87 18.91 6.51
N GLN A 134 -5.55 19.08 7.64
CA GLN A 134 -6.63 20.06 7.71
C GLN A 134 -6.04 21.46 7.61
N ASN A 135 -4.86 21.66 8.17
CA ASN A 135 -4.19 22.96 8.11
C ASN A 135 -3.81 23.24 6.66
N VAL A 136 -3.40 22.20 5.94
CA VAL A 136 -3.04 22.34 4.53
C VAL A 136 -4.28 22.71 3.72
N LEU A 137 -5.41 22.08 4.04
CA LEU A 137 -6.63 22.35 3.31
C LEU A 137 -7.06 23.80 3.50
N LYS A 138 -6.88 24.31 4.71
CA LYS A 138 -7.24 25.70 5.00
C LYS A 138 -6.34 26.64 4.21
N GLN A 139 -5.08 26.23 4.04
CA GLN A 139 -4.13 27.04 3.29
C GLN A 139 -4.58 27.11 1.82
N LEU A 140 -4.88 25.96 1.25
CA LEU A 140 -5.30 25.89 -0.14
C LEU A 140 -6.62 26.60 -0.44
N LYS A 141 -7.65 26.30 0.34
CA LYS A 141 -8.96 26.91 0.12
C LYS A 141 -9.02 28.36 0.57
N GLY A 142 -8.13 28.74 1.48
CA GLY A 142 -8.10 30.11 1.97
C GLY A 142 -7.43 31.04 0.99
N GLY A 143 -6.46 30.51 0.25
CA GLY A 143 -5.73 31.32 -0.72
C GLY A 143 -4.42 31.90 -0.20
N ASP B 3 1.51 -16.17 20.40
CA ASP B 3 1.04 -16.33 18.99
C ASP B 3 -0.32 -15.70 18.80
N LEU B 4 -0.48 -15.04 17.67
CA LEU B 4 -1.72 -14.35 17.35
C LEU B 4 -2.67 -15.14 16.44
N LYS B 5 -2.28 -16.34 16.05
CA LYS B 5 -3.12 -17.09 15.12
C LYS B 5 -4.59 -17.23 15.52
N GLY B 6 -5.49 -17.05 14.55
CA GLY B 6 -6.91 -17.20 14.81
C GLY B 6 -7.63 -16.09 15.56
N THR B 7 -6.90 -15.04 15.93
CA THR B 7 -7.49 -13.93 16.66
C THR B 7 -7.96 -12.84 15.71
N LYS B 8 -8.80 -11.95 16.23
CA LYS B 8 -9.29 -10.85 15.43
C LYS B 8 -8.16 -9.85 15.27
N THR B 9 -7.29 -9.80 16.27
CA THR B 9 -6.17 -8.88 16.22
C THR B 9 -5.31 -9.23 15.01
N ALA B 10 -5.14 -10.52 14.73
CA ALA B 10 -4.35 -10.95 13.58
C ALA B 10 -4.92 -10.32 12.30
N GLU B 11 -6.23 -10.40 12.15
CA GLU B 11 -6.88 -9.83 10.97
C GLU B 11 -6.75 -8.31 10.96
N ASN B 12 -6.82 -7.68 12.14
CA ASN B 12 -6.70 -6.24 12.20
C ASN B 12 -5.31 -5.77 11.82
N LEU B 13 -4.30 -6.55 12.17
CA LEU B 13 -2.93 -6.21 11.81
C LEU B 13 -2.81 -6.25 10.30
N LYS B 14 -3.46 -7.22 9.67
CA LYS B 14 -3.43 -7.35 8.22
C LYS B 14 -4.11 -6.15 7.58
N GLN B 15 -5.29 -5.80 8.08
CA GLN B 15 -6.02 -4.66 7.53
C GLN B 15 -5.27 -3.36 7.76
N GLY B 16 -4.63 -3.26 8.92
CA GLY B 16 -3.87 -2.06 9.21
C GLY B 16 -2.71 -1.94 8.24
N PHE B 17 -2.07 -3.07 7.93
CA PHE B 17 -0.95 -3.05 7.00
C PHE B 17 -1.39 -2.58 5.62
N ILE B 18 -2.51 -3.09 5.15
CA ILE B 18 -3.04 -2.73 3.84
C ILE B 18 -3.30 -1.22 3.79
N GLY B 19 -3.99 -0.70 4.80
CA GLY B 19 -4.30 0.71 4.85
C GLY B 19 -3.07 1.60 4.86
N GLU B 20 -2.09 1.24 5.69
CA GLU B 20 -0.85 2.03 5.77
C GLU B 20 -0.09 1.95 4.45
N SER B 21 -0.11 0.78 3.80
CA SER B 21 0.56 0.62 2.52
C SER B 21 -0.06 1.55 1.49
N MET B 22 -1.38 1.59 1.43
CA MET B 22 -2.06 2.46 0.50
C MET B 22 -1.80 3.94 0.80
N ALA B 23 -1.75 4.29 2.09
CA ALA B 23 -1.52 5.67 2.50
C ALA B 23 -0.20 6.21 2.01
N ASN B 24 0.85 5.40 2.11
CA ASN B 24 2.15 5.86 1.65
C ASN B 24 2.14 6.10 0.14
N ARG B 25 1.56 5.17 -0.63
CA ARG B 25 1.48 5.36 -2.08
C ARG B 25 0.65 6.59 -2.43
N ARG B 26 -0.49 6.73 -1.76
CA ARG B 26 -1.37 7.86 -2.01
C ARG B 26 -0.70 9.20 -1.74
N TYR B 27 -0.08 9.33 -0.58
CA TYR B 27 0.55 10.60 -0.23
C TYR B 27 1.72 10.97 -1.14
N LEU B 28 2.47 9.99 -1.61
CA LEU B 28 3.58 10.29 -2.50
C LEU B 28 3.03 10.70 -3.87
N TYR B 29 1.91 10.11 -4.25
CA TYR B 29 1.26 10.44 -5.52
C TYR B 29 0.72 11.87 -5.42
N PHE B 30 0.07 12.18 -4.30
CA PHE B 30 -0.48 13.52 -4.08
C PHE B 30 0.64 14.55 -4.10
N ALA B 31 1.78 14.18 -3.52
CA ALA B 31 2.92 15.07 -3.45
C ALA B 31 3.38 15.52 -4.83
N LYS B 32 3.26 14.63 -5.81
CA LYS B 32 3.68 14.96 -7.17
C LYS B 32 2.82 16.07 -7.75
N ARG B 33 1.55 16.10 -7.37
CA ARG B 33 0.65 17.14 -7.84
C ARG B 33 1.06 18.46 -7.19
N ALA B 34 1.35 18.40 -5.89
CA ALA B 34 1.78 19.60 -5.18
C ALA B 34 3.11 20.09 -5.78
N ASP B 35 3.97 19.14 -6.15
CA ASP B 35 5.25 19.50 -6.76
C ASP B 35 4.99 20.31 -8.02
N GLU B 36 4.18 19.74 -8.89
CA GLU B 36 3.86 20.36 -10.17
C GLU B 36 3.23 21.74 -10.04
N GLU B 37 2.33 21.92 -9.08
CA GLU B 37 1.66 23.19 -8.92
C GLU B 37 2.42 24.27 -8.14
N GLY B 38 3.57 23.90 -7.57
CA GLY B 38 4.36 24.87 -6.84
C GLY B 38 4.09 25.03 -5.35
N TYR B 39 3.76 23.94 -4.68
CA TYR B 39 3.51 23.96 -3.23
C TYR B 39 4.53 23.04 -2.55
N PRO B 40 5.81 23.47 -2.50
CA PRO B 40 6.88 22.68 -1.88
C PRO B 40 6.68 22.31 -0.42
N GLU B 41 6.08 23.20 0.36
CA GLU B 41 5.85 22.92 1.77
C GLU B 41 4.80 21.83 1.92
N ILE B 42 3.74 21.90 1.10
CA ILE B 42 2.70 20.88 1.16
C ILE B 42 3.26 19.56 0.63
N ALA B 43 4.06 19.62 -0.42
CA ALA B 43 4.65 18.40 -0.96
C ALA B 43 5.55 17.77 0.10
N GLY B 44 6.36 18.61 0.74
CA GLY B 44 7.27 18.12 1.78
C GLY B 44 6.53 17.46 2.93
N LEU B 45 5.43 18.07 3.37
CA LEU B 45 4.64 17.51 4.46
C LEU B 45 4.05 16.16 4.08
N LEU B 46 3.55 16.05 2.85
CA LEU B 46 2.98 14.80 2.37
C LEU B 46 4.07 13.72 2.40
N ARG B 47 5.26 14.08 1.93
CA ARG B 47 6.35 13.13 1.91
C ARG B 47 6.78 12.71 3.30
N SER B 48 6.77 13.65 4.24
CA SER B 48 7.15 13.33 5.61
C SER B 48 6.08 12.46 6.27
N ILE B 49 4.82 12.80 6.05
CA ILE B 49 3.76 11.99 6.64
C ILE B 49 3.83 10.59 6.03
N ALA B 50 4.21 10.52 4.76
CA ALA B 50 4.33 9.23 4.07
C ALA B 50 5.36 8.36 4.79
N GLU B 51 6.43 8.98 5.28
CA GLU B 51 7.47 8.23 6.00
C GLU B 51 6.85 7.68 7.28
N GLY B 52 5.93 8.45 7.86
CA GLY B 52 5.26 8.00 9.06
C GLY B 52 4.45 6.75 8.75
N GLU B 53 3.76 6.74 7.61
CA GLU B 53 2.97 5.58 7.23
C GLU B 53 3.86 4.38 6.94
N THR B 54 5.09 4.64 6.52
CA THR B 54 6.03 3.54 6.26
C THR B 54 6.36 2.91 7.61
N ALA B 55 6.63 3.74 8.60
CA ALA B 55 6.95 3.24 9.94
C ALA B 55 5.79 2.41 10.46
N HIS B 56 4.57 2.87 10.21
CA HIS B 56 3.38 2.16 10.67
C HIS B 56 3.25 0.80 9.99
N ALA B 57 3.39 0.77 8.67
CA ALA B 57 3.29 -0.48 7.93
C ALA B 57 4.33 -1.48 8.39
N PHE B 58 5.58 -1.05 8.53
CA PHE B 58 6.65 -1.96 8.96
C PHE B 58 6.38 -2.48 10.37
N GLY B 59 5.83 -1.62 11.22
CA GLY B 59 5.52 -2.02 12.58
C GLY B 59 4.48 -3.12 12.57
N HIS B 60 3.47 -2.97 11.71
CA HIS B 60 2.44 -3.99 11.59
C HIS B 60 3.09 -5.32 11.15
N LEU B 61 4.00 -5.24 10.19
CA LEU B 61 4.67 -6.46 9.71
C LEU B 61 5.53 -7.08 10.81
N ASP B 62 6.13 -6.25 11.65
CA ASP B 62 6.93 -6.77 12.75
C ASP B 62 6.03 -7.62 13.65
N PHE B 63 4.88 -7.07 14.04
CA PHE B 63 3.98 -7.82 14.91
C PHE B 63 3.45 -9.07 14.24
N ILE B 64 3.18 -8.97 12.94
CA ILE B 64 2.69 -10.12 12.19
C ILE B 64 3.76 -11.22 12.20
N ARG B 65 4.97 -10.86 11.82
CA ARG B 65 6.08 -11.81 11.76
C ARG B 65 6.40 -12.41 13.15
N GLN B 66 6.42 -11.57 14.16
CA GLN B 66 6.72 -12.01 15.52
C GLN B 66 5.58 -12.78 16.16
N GLY B 67 4.35 -12.54 15.69
CA GLY B 67 3.18 -13.20 16.22
C GLY B 67 2.87 -14.52 15.54
N GLY B 68 3.74 -14.95 14.64
CA GLY B 68 3.54 -16.21 13.94
C GLY B 68 2.52 -16.16 12.81
N LEU B 69 2.22 -14.96 12.33
CA LEU B 69 1.24 -14.79 11.25
C LEU B 69 1.91 -14.82 9.88
N THR B 70 1.11 -14.80 8.83
CA THR B 70 1.65 -14.86 7.48
C THR B 70 1.60 -13.52 6.76
N ASP B 71 2.22 -13.49 5.58
CA ASP B 71 2.28 -12.30 4.73
C ASP B 71 0.86 -11.88 4.34
N PRO B 72 0.46 -10.63 4.65
CA PRO B 72 -0.87 -10.14 4.31
C PRO B 72 -1.22 -10.31 2.83
N ALA B 73 -0.21 -10.24 1.98
CA ALA B 73 -0.44 -10.34 0.54
C ALA B 73 -0.46 -11.76 -0.04
N THR B 74 0.23 -12.69 0.60
CA THR B 74 0.31 -14.04 0.06
C THR B 74 -0.06 -15.17 1.01
N ASP B 75 -0.25 -14.85 2.28
CA ASP B 75 -0.59 -15.86 3.28
C ASP B 75 0.52 -16.91 3.41
N LYS B 76 1.76 -16.48 3.19
CA LYS B 76 2.93 -17.34 3.29
C LYS B 76 3.78 -16.82 4.45
N PRO B 77 4.54 -17.71 5.11
CA PRO B 77 5.36 -17.24 6.22
C PRO B 77 6.46 -16.30 5.73
N ILE B 78 6.85 -15.36 6.59
CA ILE B 78 7.91 -14.42 6.25
C ILE B 78 8.89 -14.25 7.41
N GLY B 79 9.18 -15.36 8.08
CA GLY B 79 10.10 -15.31 9.21
C GLY B 79 11.55 -15.12 8.79
N THR B 80 12.00 -15.89 7.79
CA THR B 80 13.37 -15.82 7.31
C THR B 80 13.47 -15.11 5.96
N LEU B 81 14.68 -14.70 5.59
CA LEU B 81 14.89 -14.04 4.32
C LEU B 81 14.46 -14.98 3.20
N GLU B 82 14.77 -16.26 3.35
CA GLU B 82 14.39 -17.25 2.36
C GLU B 82 12.88 -17.24 2.18
N GLN B 83 12.16 -17.28 3.31
CA GLN B 83 10.70 -17.26 3.27
C GLN B 83 10.18 -15.96 2.66
N MET B 84 10.85 -14.85 2.94
CA MET B 84 10.43 -13.57 2.38
C MET B 84 10.50 -13.59 0.86
N ILE B 85 11.59 -14.11 0.32
CA ILE B 85 11.75 -14.17 -1.13
C ILE B 85 10.71 -15.13 -1.71
N GLU B 86 10.46 -16.23 -1.03
CA GLU B 86 9.47 -17.19 -1.50
C GLU B 86 8.09 -16.53 -1.54
N SER B 87 7.82 -15.66 -0.57
CA SER B 87 6.55 -14.95 -0.53
C SER B 87 6.46 -13.98 -1.71
N ALA B 88 7.57 -13.33 -2.03
CA ALA B 88 7.60 -12.39 -3.14
C ALA B 88 7.30 -13.15 -4.44
N ILE B 89 7.92 -14.32 -4.58
CA ILE B 89 7.72 -15.13 -5.78
C ILE B 89 6.27 -15.55 -5.91
N ALA B 90 5.67 -16.02 -4.81
CA ALA B 90 4.28 -16.46 -4.82
C ALA B 90 3.34 -15.33 -5.26
N GLY B 91 3.54 -14.15 -4.69
CA GLY B 91 2.69 -13.03 -5.03
C GLY B 91 2.82 -12.64 -6.49
N GLU B 92 4.05 -12.51 -6.98
CA GLU B 92 4.32 -12.14 -8.36
C GLU B 92 3.73 -13.19 -9.31
N THR B 93 3.89 -14.46 -8.94
CA THR B 93 3.38 -15.55 -9.77
C THR B 93 1.85 -15.45 -9.92
N TYR B 94 1.17 -15.17 -8.82
CA TYR B 94 -0.28 -15.03 -8.86
C TYR B 94 -0.63 -13.90 -9.82
N GLU B 95 0.12 -12.81 -9.74
CA GLU B 95 -0.13 -11.66 -10.57
C GLU B 95 0.07 -11.86 -12.08
N TRP B 96 1.13 -12.55 -12.48
CA TRP B 96 1.35 -12.72 -13.92
C TRP B 96 0.63 -13.92 -14.53
N THR B 97 0.36 -14.94 -13.72
CA THR B 97 -0.32 -16.11 -14.26
C THR B 97 -1.84 -15.97 -14.24
N GLN B 98 -2.37 -15.19 -13.30
CA GLN B 98 -3.82 -15.08 -13.19
C GLN B 98 -4.43 -13.69 -13.10
N MET B 99 -3.97 -12.91 -12.13
CA MET B 99 -4.55 -11.59 -11.90
C MET B 99 -4.55 -10.58 -13.05
N TYR B 100 -3.36 -10.16 -13.48
CA TYR B 100 -3.30 -9.18 -14.56
C TYR B 100 -3.83 -9.67 -15.91
N PRO B 101 -3.56 -10.94 -16.27
CA PRO B 101 -4.10 -11.40 -17.56
C PRO B 101 -5.62 -11.37 -17.51
N GLY B 102 -6.18 -11.72 -16.35
CA GLY B 102 -7.62 -11.72 -16.17
C GLY B 102 -8.19 -10.32 -16.24
N PHE B 103 -7.47 -9.38 -15.63
CA PHE B 103 -7.89 -7.98 -15.62
C PHE B 103 -7.92 -7.43 -17.05
N ALA B 104 -6.92 -7.83 -17.84
CA ALA B 104 -6.81 -7.37 -19.21
C ALA B 104 -7.95 -7.88 -20.07
N LYS B 105 -8.28 -9.16 -19.90
CA LYS B 105 -9.36 -9.80 -20.67
C LYS B 105 -10.67 -9.06 -20.41
N VAL B 106 -10.93 -8.79 -19.13
CA VAL B 106 -12.14 -8.09 -18.74
C VAL B 106 -12.11 -6.64 -19.26
N ALA B 107 -10.95 -6.01 -19.23
CA ALA B 107 -10.85 -4.64 -19.70
C ALA B 107 -11.19 -4.58 -21.20
N ARG B 108 -10.68 -5.54 -21.97
CA ARG B 108 -10.97 -5.57 -23.40
C ARG B 108 -12.46 -5.82 -23.65
N GLU B 109 -13.05 -6.71 -22.86
CA GLU B 109 -14.45 -7.04 -23.02
C GLU B 109 -15.37 -5.87 -22.68
N GLU B 110 -14.96 -5.06 -21.69
CA GLU B 110 -15.76 -3.91 -21.28
C GLU B 110 -15.53 -2.68 -22.14
N GLY B 111 -14.59 -2.76 -23.07
CA GLY B 111 -14.31 -1.63 -23.95
C GLY B 111 -13.27 -0.66 -23.46
N PHE B 112 -12.24 -1.17 -22.81
CA PHE B 112 -11.16 -0.33 -22.27
C PHE B 112 -9.82 -0.88 -22.74
N PRO B 113 -9.55 -0.79 -24.04
CA PRO B 113 -8.29 -1.28 -24.62
C PRO B 113 -7.03 -0.62 -24.07
N GLU B 114 -7.10 0.65 -23.70
CA GLU B 114 -5.92 1.33 -23.17
C GLU B 114 -5.57 0.72 -21.82
N VAL B 115 -6.58 0.52 -20.98
CA VAL B 115 -6.37 -0.07 -19.65
C VAL B 115 -5.93 -1.52 -19.80
N ALA B 116 -6.47 -2.19 -20.82
CA ALA B 116 -6.13 -3.59 -21.06
C ALA B 116 -4.64 -3.71 -21.39
N GLU B 117 -4.14 -2.78 -22.20
CA GLU B 117 -2.74 -2.77 -22.59
C GLU B 117 -1.86 -2.54 -21.37
N TRP B 118 -2.35 -1.72 -20.45
CA TRP B 118 -1.64 -1.42 -19.21
C TRP B 118 -1.52 -2.69 -18.37
N PHE B 119 -2.64 -3.40 -18.22
CA PHE B 119 -2.64 -4.63 -17.44
C PHE B 119 -1.73 -5.69 -18.08
N GLU B 120 -1.66 -5.68 -19.41
CA GLU B 120 -0.82 -6.65 -20.10
C GLU B 120 0.65 -6.31 -19.91
N THR B 121 0.94 -5.01 -19.83
CA THR B 121 2.31 -4.56 -19.60
C THR B 121 2.74 -5.01 -18.21
N LEU B 122 1.84 -4.86 -17.25
CA LEU B 122 2.13 -5.26 -15.87
C LEU B 122 2.26 -6.77 -15.75
N ALA B 123 1.45 -7.50 -16.50
CA ALA B 123 1.52 -8.96 -16.47
C ALA B 123 2.93 -9.40 -16.85
N ARG B 124 3.46 -8.82 -17.92
CA ARG B 124 4.81 -9.17 -18.36
C ARG B 124 5.85 -8.72 -17.34
N ALA B 125 5.60 -7.58 -16.71
CA ALA B 125 6.53 -7.05 -15.72
C ALA B 125 6.60 -7.96 -14.49
N GLU B 126 5.45 -8.40 -14.00
CA GLU B 126 5.42 -9.27 -12.83
C GLU B 126 6.07 -10.61 -13.13
N LYS B 127 5.93 -11.09 -14.36
CA LYS B 127 6.56 -12.36 -14.71
C LYS B 127 8.07 -12.18 -14.60
N SER B 128 8.56 -11.05 -15.10
CA SER B 128 9.99 -10.74 -15.04
C SER B 128 10.43 -10.65 -13.58
N HIS B 129 9.61 -10.01 -12.74
CA HIS B 129 9.92 -9.87 -11.33
C HIS B 129 10.05 -11.24 -10.68
N ALA B 130 9.08 -12.11 -10.96
CA ALA B 130 9.08 -13.45 -10.39
C ALA B 130 10.36 -14.21 -10.77
N GLU B 131 10.77 -14.07 -12.02
CA GLU B 131 11.98 -14.74 -12.51
C GLU B 131 13.24 -14.24 -11.80
N LYS B 132 13.33 -12.93 -11.60
CA LYS B 132 14.48 -12.34 -10.92
C LYS B 132 14.56 -12.85 -9.49
N PHE B 133 13.42 -12.88 -8.80
CA PHE B 133 13.39 -13.34 -7.43
C PHE B 133 13.78 -14.82 -7.35
N GLN B 134 13.30 -15.62 -8.29
CA GLN B 134 13.61 -17.05 -8.31
C GLN B 134 15.10 -17.30 -8.45
N ASN B 135 15.74 -16.49 -9.28
CA ASN B 135 17.18 -16.59 -9.48
C ASN B 135 17.92 -16.30 -8.19
N VAL B 136 17.34 -15.41 -7.39
CA VAL B 136 17.94 -15.04 -6.11
C VAL B 136 17.72 -16.12 -5.04
N LEU B 137 16.64 -16.88 -5.19
CA LEU B 137 16.29 -17.90 -4.23
C LEU B 137 17.43 -18.90 -4.00
N LYS B 138 18.31 -19.00 -4.97
CA LYS B 138 19.49 -19.88 -4.87
C LYS B 138 20.47 -18.88 -4.25
N GLN B 139 21.04 -19.21 -3.09
CA GLN B 139 21.99 -18.32 -2.37
C GLN B 139 21.79 -18.50 -0.88
FE FE C . 3.67 -4.57 -9.87
ZN ZN D . -1.45 9.03 8.69
O1 OXY E . -2.29 5.86 8.29
O2 OXY E . -2.70 7.03 8.06
ZN ZN F . 6.38 -7.19 -9.19
FE FE G . -0.38 5.46 9.60
O1 OXY H . 3.14 -6.07 -8.46
O2 OXY H . 3.86 -7.05 -8.15
#